data_5TGS
#
_entry.id   5TGS
#
_cell.length_a   54.182
_cell.length_b   79.297
_cell.length_c   122.224
_cell.angle_alpha   90.00
_cell.angle_beta   90.00
_cell.angle_gamma   90.00
#
_symmetry.space_group_name_H-M   'P 21 21 21'
#
loop_
_entity.id
_entity.type
_entity.pdbx_description
1 polymer '7-carboxy-7-deazaguanine synthase'
2 non-polymer 'IRON/SULFUR CLUSTER'
3 non-polymer METHIONINE
4 non-polymer DI(HYDROXYETHYL)ETHER
5 water water
#
_entity_poly.entity_id   1
_entity_poly.type   'polypeptide(L)'
_entity_poly.pdbx_seq_one_letter_code
;MGSSHHHHHHSSGLVPRGSHMAKGIPVLEIFGPTIQGEGMVIGQKTMFVRTAGCDYSCSWCDSAFTWDGSAKKDIRWMTA
EEIFAELKDIGGDAFSHVTISGGNPALLKQLDAFIELLKENNIRAALETQGTVYQDWFTLIDDLTISPKPPSSKMVTNFQ
KLDHILTSLQENDRQHAVSLKVVIFNDEDLEFAKTVHKRYPGIPFYLQVGNDDVHTTDDQSLIAHLLGKYEALVDKVAVD
AELNLVRVLPQLHTLLWGNKRGV
;
_entity_poly.pdbx_strand_id   A,B
#
loop_
_chem_comp.id
_chem_comp.type
_chem_comp.name
_chem_comp.formula
PEG non-polymer DI(HYDROXYETHYL)ETHER 'C4 H10 O3'
SF4 non-polymer 'IRON/SULFUR CLUSTER' 'Fe4 S4'
#
# COMPACT_ATOMS: atom_id res chain seq x y z
N ALA A 22 -18.74 -32.30 -7.69
CA ALA A 22 -18.94 -30.87 -7.49
C ALA A 22 -18.83 -30.49 -6.03
N LYS A 23 -18.10 -31.31 -5.27
CA LYS A 23 -17.85 -31.04 -3.86
C LYS A 23 -16.51 -30.35 -3.62
N GLY A 24 -15.78 -30.02 -4.68
CA GLY A 24 -14.51 -29.33 -4.57
C GLY A 24 -14.67 -27.82 -4.67
N ILE A 25 -13.65 -27.17 -5.21
CA ILE A 25 -13.60 -25.72 -5.33
C ILE A 25 -13.76 -25.36 -6.81
N PRO A 26 -14.75 -24.55 -7.20
CA PRO A 26 -14.91 -24.19 -8.61
C PRO A 26 -13.87 -23.17 -9.05
N VAL A 27 -12.85 -23.62 -9.77
CA VAL A 27 -11.75 -22.78 -10.22
C VAL A 27 -11.97 -22.39 -11.67
N LEU A 28 -11.75 -21.11 -11.97
CA LEU A 28 -11.88 -20.58 -13.32
C LEU A 28 -10.54 -20.27 -13.99
N GLU A 29 -9.58 -19.71 -13.26
CA GLU A 29 -8.30 -19.39 -13.85
C GLU A 29 -7.24 -19.31 -12.76
N ILE A 30 -6.02 -19.70 -13.11
CA ILE A 30 -4.87 -19.68 -12.21
C ILE A 30 -3.69 -19.10 -12.99
N PHE A 31 -3.17 -17.95 -12.55
CA PHE A 31 -2.09 -17.30 -13.25
C PHE A 31 -1.19 -16.58 -12.26
N GLY A 32 0.01 -16.24 -12.73
CA GLY A 32 1.00 -15.57 -11.91
C GLY A 32 2.40 -16.05 -12.15
N PRO A 33 3.40 -15.48 -11.44
CA PRO A 33 3.22 -14.40 -10.46
C PRO A 33 2.94 -13.06 -11.12
N THR A 34 2.22 -12.20 -10.41
CA THR A 34 1.91 -10.86 -10.89
C THR A 34 1.79 -9.93 -9.70
N ILE A 35 1.59 -8.65 -9.98
CA ILE A 35 1.51 -7.62 -8.95
C ILE A 35 0.04 -7.32 -8.67
N GLN A 36 -0.31 -7.22 -7.39
CA GLN A 36 -1.62 -6.73 -7.01
C GLN A 36 -1.69 -5.23 -7.28
N GLY A 37 -2.61 -4.83 -8.15
CA GLY A 37 -2.66 -3.46 -8.62
C GLY A 37 -3.55 -2.52 -7.85
N GLU A 38 -4.15 -2.95 -6.73
CA GLU A 38 -5.04 -2.10 -5.98
C GLU A 38 -5.22 -2.66 -4.57
N GLY A 39 -5.74 -1.83 -3.69
CA GLY A 39 -6.14 -2.27 -2.37
C GLY A 39 -5.05 -2.17 -1.32
N MET A 40 -5.24 -2.95 -0.26
CA MET A 40 -4.35 -2.88 0.90
C MET A 40 -2.95 -3.37 0.58
N VAL A 41 -2.82 -4.38 -0.28
CA VAL A 41 -1.50 -4.93 -0.61
C VAL A 41 -1.17 -4.62 -2.07
N ILE A 42 -1.38 -3.37 -2.48
CA ILE A 42 -1.05 -2.97 -3.83
C ILE A 42 0.44 -3.14 -4.07
N GLY A 43 0.80 -3.74 -5.20
CA GLY A 43 2.18 -4.01 -5.53
C GLY A 43 2.71 -5.34 -5.05
N GLN A 44 1.97 -6.05 -4.21
CA GLN A 44 2.42 -7.34 -3.70
C GLN A 44 2.47 -8.37 -4.83
N LYS A 45 3.61 -9.03 -4.97
CA LYS A 45 3.72 -10.13 -5.92
C LYS A 45 2.93 -11.32 -5.41
N THR A 46 2.02 -11.83 -6.24
CA THR A 46 1.08 -12.85 -5.78
C THR A 46 0.65 -13.73 -6.94
N MET A 47 0.12 -14.90 -6.59
CA MET A 47 -0.58 -15.76 -7.53
C MET A 47 -2.07 -15.57 -7.36
N PHE A 48 -2.79 -15.62 -8.48
CA PHE A 48 -4.24 -15.42 -8.49
C PHE A 48 -4.95 -16.76 -8.70
N VAL A 49 -5.97 -17.01 -7.90
CA VAL A 49 -6.85 -18.16 -8.04
C VAL A 49 -8.27 -17.61 -8.08
N ARG A 50 -8.81 -17.43 -9.28
CA ARG A 50 -10.13 -16.87 -9.46
C ARG A 50 -11.16 -17.99 -9.45
N THR A 51 -12.12 -17.91 -8.55
CA THR A 51 -13.19 -18.89 -8.43
C THR A 51 -14.46 -18.38 -9.09
N ALA A 52 -15.42 -19.28 -9.27
CA ALA A 52 -16.68 -18.96 -9.94
C ALA A 52 -17.77 -18.70 -8.91
N GLY A 53 -18.77 -17.93 -9.32
CA GLY A 53 -19.92 -17.66 -8.48
C GLY A 53 -19.92 -16.29 -7.84
N CYS A 54 -21.01 -15.54 -8.02
CA CYS A 54 -21.19 -14.25 -7.38
C CYS A 54 -22.66 -14.08 -7.01
N ASP A 55 -22.90 -13.56 -5.81
CA ASP A 55 -24.26 -13.22 -5.39
C ASP A 55 -24.64 -11.79 -5.79
N TYR A 56 -23.76 -11.08 -6.50
CA TYR A 56 -24.06 -9.77 -7.04
C TYR A 56 -24.15 -9.83 -8.55
N SER A 57 -24.71 -8.77 -9.13
CA SER A 57 -24.78 -8.58 -10.57
C SER A 57 -24.55 -7.11 -10.87
N CYS A 58 -23.40 -6.61 -10.45
CA CYS A 58 -23.10 -5.18 -10.56
C CYS A 58 -23.11 -4.73 -12.01
N SER A 59 -23.50 -3.47 -12.22
CA SER A 59 -23.70 -2.97 -13.57
C SER A 59 -22.39 -2.92 -14.37
N TRP A 60 -21.26 -2.74 -13.70
CA TRP A 60 -19.97 -2.67 -14.36
C TRP A 60 -19.06 -3.81 -13.94
N CYS A 61 -19.64 -5.01 -13.77
CA CYS A 61 -18.88 -6.20 -13.42
C CYS A 61 -17.87 -6.53 -14.51
N ASP A 62 -16.58 -6.38 -14.21
CA ASP A 62 -15.54 -6.69 -15.18
C ASP A 62 -15.32 -8.19 -15.34
N SER A 63 -15.84 -9.00 -14.43
CA SER A 63 -15.70 -10.45 -14.49
C SER A 63 -17.07 -11.11 -14.48
N ALA A 64 -17.94 -10.70 -15.41
CA ALA A 64 -19.31 -11.21 -15.41
C ALA A 64 -19.35 -12.72 -15.66
N PHE A 65 -18.34 -13.25 -16.35
CA PHE A 65 -18.32 -14.69 -16.65
C PHE A 65 -18.25 -15.54 -15.39
N THR A 66 -17.86 -14.96 -14.26
CA THR A 66 -17.80 -15.72 -13.01
C THR A 66 -19.19 -16.13 -12.51
N TRP A 67 -20.24 -15.44 -12.94
CA TRP A 67 -21.57 -15.72 -12.40
C TRP A 67 -22.69 -15.78 -13.43
N ASP A 68 -22.53 -15.27 -14.65
CA ASP A 68 -23.62 -15.27 -15.60
C ASP A 68 -23.83 -16.61 -16.29
N GLY A 69 -22.93 -17.58 -16.10
CA GLY A 69 -23.05 -18.87 -16.71
C GLY A 69 -22.35 -19.03 -18.05
N SER A 70 -21.71 -17.98 -18.55
CA SER A 70 -21.01 -18.08 -19.84
C SER A 70 -19.77 -18.97 -19.73
N ALA A 71 -19.13 -18.99 -18.56
CA ALA A 71 -17.95 -19.82 -18.32
C ALA A 71 -18.28 -21.05 -17.47
N LYS A 72 -19.53 -21.53 -17.56
CA LYS A 72 -19.93 -22.69 -16.78
C LYS A 72 -19.15 -23.93 -17.20
N LYS A 73 -18.91 -24.09 -18.50
CA LYS A 73 -18.16 -25.25 -18.99
C LYS A 73 -16.69 -25.16 -18.60
N ASP A 74 -16.14 -23.95 -18.51
CA ASP A 74 -14.73 -23.77 -18.17
C ASP A 74 -14.44 -23.96 -16.70
N ILE A 75 -15.45 -24.22 -15.87
CA ILE A 75 -15.22 -24.40 -14.45
C ILE A 75 -14.52 -25.72 -14.20
N ARG A 76 -13.45 -25.69 -13.40
CA ARG A 76 -12.72 -26.88 -13.00
C ARG A 76 -12.87 -27.04 -11.49
N TRP A 77 -13.65 -28.05 -11.09
CA TRP A 77 -13.85 -28.35 -9.67
C TRP A 77 -12.61 -29.07 -9.15
N MET A 78 -11.79 -28.36 -8.38
CA MET A 78 -10.50 -28.87 -7.93
C MET A 78 -10.47 -28.95 -6.41
N THR A 79 -9.69 -29.89 -5.89
CA THR A 79 -9.45 -29.96 -4.46
C THR A 79 -8.38 -28.96 -4.07
N ALA A 80 -8.18 -28.82 -2.75
CA ALA A 80 -7.18 -27.88 -2.24
C ALA A 80 -5.78 -28.23 -2.73
N GLU A 81 -5.44 -29.53 -2.71
CA GLU A 81 -4.10 -29.95 -3.10
C GLU A 81 -3.91 -29.88 -4.62
N GLU A 82 -4.99 -29.97 -5.40
CA GLU A 82 -4.87 -29.83 -6.83
C GLU A 82 -4.61 -28.38 -7.23
N ILE A 83 -5.26 -27.43 -6.54
CA ILE A 83 -5.02 -26.02 -6.81
C ILE A 83 -3.59 -25.66 -6.46
N PHE A 84 -3.10 -26.15 -5.33
CA PHE A 84 -1.72 -25.85 -4.92
C PHE A 84 -0.72 -26.48 -5.89
N ALA A 85 -1.01 -27.68 -6.39
CA ALA A 85 -0.11 -28.33 -7.33
C ALA A 85 0.00 -27.53 -8.62
N GLU A 86 -1.12 -26.96 -9.10
CA GLU A 86 -1.06 -26.15 -10.30
C GLU A 86 -0.43 -24.79 -10.03
N LEU A 87 -0.55 -24.28 -8.81
CA LEU A 87 0.14 -23.05 -8.45
C LEU A 87 1.65 -23.23 -8.50
N LYS A 88 2.14 -24.40 -8.07
CA LYS A 88 3.57 -24.67 -8.12
C LYS A 88 4.05 -24.91 -9.55
N ASP A 89 3.19 -25.47 -10.41
CA ASP A 89 3.58 -25.69 -11.80
C ASP A 89 3.66 -24.39 -12.59
N ILE A 90 3.00 -23.33 -12.12
CA ILE A 90 2.98 -22.05 -12.80
C ILE A 90 3.94 -21.05 -12.16
N GLY A 91 3.86 -20.91 -10.84
CA GLY A 91 4.68 -19.95 -10.14
C GLY A 91 6.02 -20.50 -9.68
N GLY A 92 6.12 -21.81 -9.57
CA GLY A 92 7.37 -22.41 -9.10
C GLY A 92 7.62 -22.06 -7.66
N ASP A 93 8.83 -21.60 -7.36
CA ASP A 93 9.20 -21.12 -6.03
C ASP A 93 9.27 -19.61 -5.96
N ALA A 94 8.78 -18.91 -6.99
CA ALA A 94 8.84 -17.45 -7.05
C ALA A 94 7.59 -16.78 -6.51
N PHE A 95 6.99 -17.33 -5.45
CA PHE A 95 5.84 -16.70 -4.83
C PHE A 95 5.69 -17.23 -3.41
N SER A 96 5.25 -16.35 -2.50
CA SER A 96 4.89 -16.73 -1.14
C SER A 96 3.56 -16.12 -0.74
N HIS A 97 2.77 -15.67 -1.72
CA HIS A 97 1.51 -14.98 -1.46
C HIS A 97 0.52 -15.39 -2.54
N VAL A 98 -0.70 -15.74 -2.13
CA VAL A 98 -1.76 -16.15 -3.03
C VAL A 98 -2.97 -15.28 -2.78
N THR A 99 -3.61 -14.84 -3.87
CA THR A 99 -4.80 -14.00 -3.80
C THR A 99 -5.97 -14.75 -4.42
N ILE A 100 -7.03 -14.94 -3.63
CA ILE A 100 -8.25 -15.60 -4.09
C ILE A 100 -9.27 -14.52 -4.43
N SER A 101 -9.81 -14.59 -5.66
CA SER A 101 -10.76 -13.59 -6.14
C SER A 101 -11.88 -14.30 -6.89
N GLY A 102 -12.87 -13.51 -7.30
CA GLY A 102 -13.98 -14.01 -8.08
C GLY A 102 -14.52 -12.92 -8.99
N GLY A 103 -15.83 -12.69 -8.98
CA GLY A 103 -16.76 -13.45 -8.15
C GLY A 103 -16.77 -13.01 -6.69
N ASN A 104 -17.45 -13.80 -5.86
CA ASN A 104 -17.46 -13.62 -4.41
C ASN A 104 -16.99 -14.92 -3.78
N PRO A 105 -15.70 -15.06 -3.52
CA PRO A 105 -15.20 -16.32 -2.93
C PRO A 105 -15.76 -16.62 -1.56
N ALA A 106 -16.29 -15.61 -0.86
CA ALA A 106 -16.90 -15.86 0.45
C ALA A 106 -18.12 -16.77 0.36
N LEU A 107 -18.72 -16.90 -0.83
CA LEU A 107 -19.82 -17.85 -1.00
C LEU A 107 -19.37 -19.30 -0.84
N LEU A 108 -18.09 -19.57 -1.03
CA LEU A 108 -17.56 -20.93 -0.99
C LEU A 108 -17.02 -21.22 0.40
N LYS A 109 -17.66 -22.15 1.12
CA LYS A 109 -17.13 -22.61 2.39
C LYS A 109 -16.01 -23.63 2.21
N GLN A 110 -15.95 -24.30 1.05
CA GLN A 110 -14.91 -25.28 0.77
C GLN A 110 -13.52 -24.67 0.70
N LEU A 111 -13.42 -23.34 0.59
CA LEU A 111 -12.11 -22.69 0.52
C LEU A 111 -11.31 -22.87 1.81
N ASP A 112 -11.97 -23.25 2.90
CA ASP A 112 -11.28 -23.42 4.18
C ASP A 112 -10.15 -24.44 4.05
N ALA A 113 -10.35 -25.50 3.27
CA ALA A 113 -9.31 -26.49 3.07
C ALA A 113 -8.12 -25.90 2.32
N PHE A 114 -8.40 -25.01 1.35
CA PHE A 114 -7.31 -24.42 0.57
C PHE A 114 -6.57 -23.35 1.36
N ILE A 115 -7.30 -22.54 2.13
CA ILE A 115 -6.65 -21.52 2.95
C ILE A 115 -5.79 -22.19 4.03
N GLU A 116 -6.30 -23.28 4.62
CA GLU A 116 -5.51 -24.03 5.59
C GLU A 116 -4.28 -24.66 4.94
N LEU A 117 -4.40 -25.09 3.68
CA LEU A 117 -3.26 -25.68 2.98
C LEU A 117 -2.19 -24.63 2.71
N LEU A 118 -2.60 -23.41 2.37
CA LEU A 118 -1.62 -22.34 2.17
C LEU A 118 -0.87 -22.02 3.46
N LYS A 119 -1.55 -22.14 4.61
CA LYS A 119 -0.89 -21.85 5.89
C LYS A 119 0.08 -22.96 6.28
N GLU A 120 -0.24 -24.21 5.95
CA GLU A 120 0.68 -25.30 6.23
C GLU A 120 1.99 -25.14 5.47
N ASN A 121 1.93 -24.60 4.27
CA ASN A 121 3.12 -24.34 3.46
C ASN A 121 3.68 -22.94 3.69
N ASN A 122 3.20 -22.23 4.71
CA ASN A 122 3.70 -20.91 5.08
C ASN A 122 3.61 -19.93 3.91
N ILE A 123 2.39 -19.76 3.41
CA ILE A 123 2.10 -18.86 2.30
C ILE A 123 0.98 -17.93 2.72
N ARG A 124 1.21 -16.63 2.57
CA ARG A 124 0.21 -15.64 2.94
C ARG A 124 -0.95 -15.67 1.95
N ALA A 125 -2.15 -15.43 2.46
CA ALA A 125 -3.37 -15.51 1.67
C ALA A 125 -4.12 -14.18 1.73
N ALA A 126 -4.61 -13.73 0.57
CA ALA A 126 -5.41 -12.53 0.46
C ALA A 126 -6.71 -12.85 -0.26
N LEU A 127 -7.74 -12.06 0.02
CA LEU A 127 -9.06 -12.30 -0.56
C LEU A 127 -9.88 -11.03 -0.48
N GLU A 128 -10.71 -10.80 -1.50
CA GLU A 128 -11.61 -9.66 -1.54
C GLU A 128 -13.04 -10.16 -1.68
N THR A 129 -13.94 -9.59 -0.88
CA THR A 129 -15.36 -9.91 -0.95
C THR A 129 -16.16 -8.64 -0.68
N GLN A 130 -17.37 -8.58 -1.25
CA GLN A 130 -18.19 -7.40 -1.10
C GLN A 130 -18.83 -7.27 0.28
N GLY A 131 -18.80 -8.32 1.09
CA GLY A 131 -19.32 -8.26 2.44
C GLY A 131 -20.79 -8.61 2.56
N THR A 132 -21.19 -9.74 1.96
CA THR A 132 -22.55 -10.22 2.06
C THR A 132 -22.69 -11.55 2.76
N VAL A 133 -21.58 -12.25 3.01
CA VAL A 133 -21.61 -13.57 3.65
C VAL A 133 -20.32 -13.74 4.43
N TYR A 134 -20.43 -14.27 5.64
CA TYR A 134 -19.28 -14.51 6.50
C TYR A 134 -18.90 -15.98 6.48
N GLN A 135 -17.60 -16.24 6.62
CA GLN A 135 -17.07 -17.59 6.69
C GLN A 135 -16.09 -17.69 7.84
N ASP A 136 -15.99 -18.90 8.41
CA ASP A 136 -15.06 -19.10 9.52
C ASP A 136 -13.61 -18.93 9.09
N TRP A 137 -13.29 -19.25 7.84
CA TRP A 137 -11.92 -19.12 7.36
C TRP A 137 -11.52 -17.68 7.07
N PHE A 138 -12.40 -16.71 7.34
CA PHE A 138 -12.00 -15.30 7.26
C PHE A 138 -10.86 -14.99 8.22
N THR A 139 -10.85 -15.65 9.38
CA THR A 139 -9.81 -15.44 10.39
C THR A 139 -8.45 -15.91 9.94
N LEU A 140 -8.37 -16.70 8.86
CA LEU A 140 -7.10 -17.19 8.34
C LEU A 140 -6.54 -16.32 7.23
N ILE A 141 -7.29 -15.35 6.72
CA ILE A 141 -6.83 -14.50 5.64
C ILE A 141 -5.92 -13.42 6.19
N ASP A 142 -4.72 -13.31 5.65
CA ASP A 142 -3.77 -12.30 6.12
C ASP A 142 -4.11 -10.91 5.59
N ASP A 143 -4.67 -10.82 4.38
CA ASP A 143 -5.01 -9.54 3.74
C ASP A 143 -6.46 -9.64 3.25
N LEU A 144 -7.40 -9.39 4.16
CA LEU A 144 -8.81 -9.49 3.86
C LEU A 144 -9.35 -8.12 3.46
N THR A 145 -9.88 -8.01 2.25
CA THR A 145 -10.43 -6.76 1.74
C THR A 145 -11.94 -6.88 1.64
N ILE A 146 -12.64 -6.06 2.42
CA ILE A 146 -14.09 -5.94 2.32
C ILE A 146 -14.40 -4.77 1.39
N SER A 147 -15.11 -5.04 0.29
CA SER A 147 -15.34 -4.06 -0.77
C SER A 147 -16.84 -3.88 -0.99
N PRO A 148 -17.48 -3.04 -0.18
CA PRO A 148 -18.90 -2.74 -0.42
C PRO A 148 -19.08 -2.04 -1.76
N LYS A 149 -20.15 -2.44 -2.49
CA LYS A 149 -20.30 -1.88 -3.83
C LYS A 149 -21.09 -0.57 -3.79
N PRO A 150 -20.65 0.44 -4.54
CA PRO A 150 -21.32 1.74 -4.51
C PRO A 150 -22.65 1.70 -5.24
N PRO A 151 -23.48 2.74 -5.10
CA PRO A 151 -24.78 2.73 -5.79
C PRO A 151 -24.69 2.64 -7.30
N SER A 152 -23.57 3.04 -7.91
CA SER A 152 -23.43 2.93 -9.36
C SER A 152 -23.48 1.48 -9.83
N SER A 153 -23.20 0.52 -8.94
CA SER A 153 -23.34 -0.89 -9.27
C SER A 153 -24.78 -1.36 -9.34
N LYS A 154 -25.73 -0.51 -8.95
CA LYS A 154 -27.15 -0.85 -8.86
C LYS A 154 -27.40 -1.96 -7.85
N MET A 155 -26.48 -2.18 -6.92
CA MET A 155 -26.62 -3.19 -5.87
C MET A 155 -26.97 -2.52 -4.55
N VAL A 156 -27.88 -3.12 -3.81
CA VAL A 156 -28.28 -2.62 -2.50
C VAL A 156 -27.32 -3.17 -1.46
N THR A 157 -26.73 -2.28 -0.67
CA THR A 157 -25.77 -2.67 0.35
C THR A 157 -26.50 -2.99 1.65
N ASN A 158 -26.33 -4.23 2.13
CA ASN A 158 -26.92 -4.66 3.40
C ASN A 158 -25.94 -4.29 4.50
N PHE A 159 -26.15 -3.11 5.09
CA PHE A 159 -25.28 -2.67 6.18
C PHE A 159 -25.43 -3.53 7.43
N GLN A 160 -26.58 -4.18 7.62
CA GLN A 160 -26.74 -5.09 8.75
C GLN A 160 -25.77 -6.27 8.64
N LYS A 161 -25.71 -6.88 7.46
CA LYS A 161 -24.75 -7.96 7.25
C LYS A 161 -23.31 -7.43 7.25
N LEU A 162 -23.10 -6.22 6.74
CA LEU A 162 -21.78 -5.62 6.77
C LEU A 162 -21.32 -5.35 8.21
N ASP A 163 -22.25 -5.01 9.10
CA ASP A 163 -21.89 -4.82 10.50
C ASP A 163 -21.48 -6.15 11.14
N HIS A 164 -22.23 -7.22 10.87
CA HIS A 164 -21.94 -8.51 11.49
C HIS A 164 -20.57 -9.03 11.06
N ILE A 165 -20.19 -8.81 9.81
CA ILE A 165 -18.90 -9.30 9.32
C ILE A 165 -17.75 -8.56 10.00
N LEU A 166 -17.80 -7.23 10.01
CA LEU A 166 -16.73 -6.45 10.61
C LEU A 166 -16.68 -6.61 12.12
N THR A 167 -17.84 -6.83 12.76
CA THR A 167 -17.84 -7.08 14.20
C THR A 167 -17.22 -8.43 14.52
N SER A 168 -17.55 -9.46 13.73
CA SER A 168 -16.97 -10.78 13.96
C SER A 168 -15.46 -10.77 13.76
N LEU A 169 -14.96 -9.93 12.84
CA LEU A 169 -13.53 -9.86 12.60
C LEU A 169 -12.81 -9.14 13.73
N GLN A 170 -13.42 -8.08 14.26
CA GLN A 170 -12.82 -7.36 15.39
C GLN A 170 -12.82 -8.21 16.65
N GLU A 171 -13.80 -9.11 16.79
CA GLU A 171 -13.85 -9.96 17.98
C GLU A 171 -12.79 -11.04 17.94
N ASN A 172 -12.51 -11.59 16.75
CA ASN A 172 -11.51 -12.62 16.58
C ASN A 172 -10.11 -12.06 16.40
N ASP A 173 -9.89 -10.80 16.81
CA ASP A 173 -8.57 -10.17 16.75
C ASP A 173 -8.01 -10.20 15.33
N ARG A 174 -8.79 -9.68 14.38
CA ARG A 174 -8.40 -9.66 12.98
C ARG A 174 -8.37 -8.25 12.41
N GLN A 175 -8.31 -7.23 13.28
CA GLN A 175 -8.33 -5.85 12.79
C GLN A 175 -7.10 -5.52 11.96
N HIS A 176 -5.97 -6.19 12.24
CA HIS A 176 -4.74 -5.94 11.50
C HIS A 176 -4.77 -6.51 10.09
N ALA A 177 -5.76 -7.33 9.75
CA ALA A 177 -5.83 -8.01 8.47
C ALA A 177 -7.01 -7.59 7.61
N VAL A 178 -7.80 -6.61 8.04
CA VAL A 178 -9.02 -6.23 7.35
C VAL A 178 -8.89 -4.78 6.88
N SER A 179 -9.38 -4.53 5.66
CA SER A 179 -9.46 -3.18 5.13
C SER A 179 -10.77 -3.01 4.38
N LEU A 180 -11.12 -1.75 4.09
CA LEU A 180 -12.31 -1.41 3.34
C LEU A 180 -11.89 -0.72 2.05
N LYS A 181 -12.48 -1.15 0.93
CA LYS A 181 -12.18 -0.57 -0.38
C LYS A 181 -13.48 -0.29 -1.10
N VAL A 182 -13.62 0.94 -1.61
CA VAL A 182 -14.81 1.34 -2.35
C VAL A 182 -14.36 1.97 -3.67
N VAL A 183 -14.90 1.46 -4.77
CA VAL A 183 -14.63 2.03 -6.08
C VAL A 183 -15.56 3.22 -6.29
N ILE A 184 -15.03 4.26 -6.96
CA ILE A 184 -15.75 5.51 -7.14
C ILE A 184 -15.90 5.78 -8.64
N PHE A 185 -17.13 5.88 -9.10
CA PHE A 185 -17.43 6.24 -10.49
C PHE A 185 -18.04 7.63 -10.64
N ASN A 186 -18.77 8.11 -9.63
CA ASN A 186 -19.39 9.43 -9.69
C ASN A 186 -19.40 10.02 -8.29
N ASP A 187 -20.01 11.19 -8.17
CA ASP A 187 -20.07 11.87 -6.89
C ASP A 187 -20.97 11.16 -5.89
N GLU A 188 -21.97 10.42 -6.38
CA GLU A 188 -22.84 9.68 -5.48
C GLU A 188 -22.09 8.51 -4.83
N ASP A 189 -21.18 7.89 -5.58
CA ASP A 189 -20.34 6.84 -5.00
C ASP A 189 -19.41 7.40 -3.94
N LEU A 190 -18.95 8.64 -4.10
CA LEU A 190 -18.07 9.25 -3.11
C LEU A 190 -18.82 9.50 -1.80
N GLU A 191 -20.09 9.91 -1.88
CA GLU A 191 -20.89 10.06 -0.67
C GLU A 191 -21.16 8.72 -0.01
N PHE A 192 -21.32 7.66 -0.81
CA PHE A 192 -21.47 6.33 -0.25
C PHE A 192 -20.20 5.89 0.49
N ALA A 193 -19.04 6.25 -0.04
CA ALA A 193 -17.79 5.92 0.64
C ALA A 193 -17.67 6.63 1.98
N LYS A 194 -18.20 7.85 2.08
CA LYS A 194 -18.20 8.55 3.36
C LYS A 194 -19.05 7.81 4.39
N THR A 195 -20.22 7.32 3.97
CA THR A 195 -21.09 6.58 4.89
C THR A 195 -20.39 5.34 5.43
N VAL A 196 -19.69 4.61 4.55
CA VAL A 196 -18.97 3.42 5.00
C VAL A 196 -17.79 3.79 5.89
N HIS A 197 -17.02 4.81 5.49
CA HIS A 197 -15.84 5.19 6.26
C HIS A 197 -16.21 5.75 7.62
N LYS A 198 -17.23 6.61 7.67
CA LYS A 198 -17.65 7.20 8.95
C LYS A 198 -18.28 6.17 9.88
N ARG A 199 -18.82 5.08 9.33
CA ARG A 199 -19.44 4.06 10.16
C ARG A 199 -18.40 3.16 10.81
N TYR A 200 -17.29 2.89 10.13
CA TYR A 200 -16.22 2.04 10.63
C TYR A 200 -14.93 2.86 10.65
N PRO A 201 -14.73 3.69 11.67
CA PRO A 201 -13.57 4.60 11.66
C PRO A 201 -12.24 3.90 11.91
N GLY A 202 -12.22 2.80 12.65
CA GLY A 202 -10.97 2.17 13.01
C GLY A 202 -10.47 1.14 12.01
N ILE A 203 -10.98 1.20 10.78
CA ILE A 203 -10.63 0.24 9.73
C ILE A 203 -9.97 1.01 8.60
N PRO A 204 -8.85 0.56 8.07
CA PRO A 204 -8.22 1.25 6.94
C PRO A 204 -9.15 1.30 5.74
N PHE A 205 -9.27 2.50 5.15
CA PHE A 205 -10.21 2.75 4.07
C PHE A 205 -9.45 3.11 2.80
N TYR A 206 -9.78 2.44 1.71
CA TYR A 206 -9.13 2.64 0.42
C TYR A 206 -10.14 3.09 -0.61
N LEU A 207 -9.82 4.16 -1.33
CA LEU A 207 -10.66 4.66 -2.42
C LEU A 207 -10.03 4.29 -3.75
N GLN A 208 -10.82 3.66 -4.62
CA GLN A 208 -10.35 3.20 -5.91
C GLN A 208 -11.06 3.95 -7.03
N VAL A 209 -10.34 4.20 -8.12
CA VAL A 209 -10.88 4.94 -9.25
C VAL A 209 -11.68 3.99 -10.12
N GLY A 210 -12.89 4.42 -10.51
CA GLY A 210 -13.72 3.60 -11.37
C GLY A 210 -13.19 3.58 -12.80
N ASN A 211 -13.30 2.41 -13.44
CA ASN A 211 -12.82 2.21 -14.79
C ASN A 211 -14.01 2.09 -15.74
N ASP A 212 -14.05 2.95 -16.75
CA ASP A 212 -15.03 2.87 -17.82
C ASP A 212 -14.33 2.45 -19.10
N ASP A 213 -14.69 1.28 -19.61
CA ASP A 213 -14.04 0.74 -20.80
C ASP A 213 -14.29 1.64 -22.00
N VAL A 214 -13.21 2.20 -22.53
CA VAL A 214 -13.31 3.09 -23.69
C VAL A 214 -12.37 2.61 -24.80
N SER A 221 -5.21 6.30 -26.06
CA SER A 221 -4.36 6.54 -24.90
C SER A 221 -5.18 6.54 -23.62
N LEU A 222 -5.66 5.35 -23.22
CA LEU A 222 -6.44 5.23 -22.01
C LEU A 222 -5.60 5.41 -20.75
N ILE A 223 -4.27 5.40 -20.85
CA ILE A 223 -3.43 5.63 -19.69
C ILE A 223 -3.50 7.09 -19.26
N ALA A 224 -3.52 8.02 -20.22
CA ALA A 224 -3.68 9.43 -19.90
C ALA A 224 -5.08 9.73 -19.40
N HIS A 225 -6.08 8.99 -19.89
CA HIS A 225 -7.45 9.17 -19.42
C HIS A 225 -7.61 8.68 -17.99
N LEU A 226 -6.87 7.64 -17.60
CA LEU A 226 -6.99 7.11 -16.24
C LEU A 226 -6.28 7.99 -15.22
N LEU A 227 -5.10 8.51 -15.57
CA LEU A 227 -4.40 9.40 -14.64
C LEU A 227 -5.17 10.71 -14.44
N GLY A 228 -5.96 11.12 -15.43
CA GLY A 228 -6.84 12.26 -15.23
C GLY A 228 -7.98 11.94 -14.29
N LYS A 229 -8.53 10.73 -14.39
CA LYS A 229 -9.56 10.30 -13.46
C LYS A 229 -9.01 10.13 -12.05
N TYR A 230 -7.78 9.61 -11.94
CA TYR A 230 -7.18 9.41 -10.62
C TYR A 230 -6.86 10.74 -9.96
N GLU A 231 -6.30 11.70 -10.72
CA GLU A 231 -5.99 13.01 -10.16
C GLU A 231 -7.26 13.77 -9.80
N ALA A 232 -8.33 13.59 -10.58
CA ALA A 232 -9.59 14.27 -10.27
C ALA A 232 -10.17 13.76 -8.95
N LEU A 233 -10.04 12.46 -8.69
CA LEU A 233 -10.53 11.91 -7.43
C LEU A 233 -9.67 12.38 -6.25
N VAL A 234 -8.36 12.48 -6.45
CA VAL A 234 -7.48 12.96 -5.39
C VAL A 234 -7.82 14.40 -5.01
N ASP A 235 -8.14 15.23 -6.01
CA ASP A 235 -8.47 16.63 -5.72
C ASP A 235 -9.75 16.74 -4.91
N LYS A 236 -10.72 15.87 -5.16
CA LYS A 236 -11.96 15.91 -4.39
C LYS A 236 -11.74 15.46 -2.95
N VAL A 237 -10.90 14.44 -2.75
CA VAL A 237 -10.65 13.95 -1.40
C VAL A 237 -9.74 14.91 -0.63
N ALA A 238 -8.87 15.63 -1.34
CA ALA A 238 -7.95 16.53 -0.66
C ALA A 238 -8.66 17.66 0.06
N VAL A 239 -9.80 18.12 -0.46
CA VAL A 239 -10.54 19.22 0.15
C VAL A 239 -11.63 18.74 1.10
N ASP A 240 -11.89 17.42 1.17
CA ASP A 240 -12.94 16.89 2.02
C ASP A 240 -12.35 16.53 3.39
N ALA A 241 -12.91 17.12 4.45
CA ALA A 241 -12.42 16.91 5.79
C ALA A 241 -12.89 15.61 6.42
N GLU A 242 -13.88 14.94 5.83
CA GLU A 242 -14.37 13.68 6.34
C GLU A 242 -13.62 12.48 5.79
N LEU A 243 -12.77 12.67 4.79
CA LEU A 243 -11.99 11.57 4.23
C LEU A 243 -10.51 11.80 4.47
N ASN A 244 -10.11 11.95 5.73
CA ASN A 244 -8.71 12.21 6.04
C ASN A 244 -7.90 10.92 6.10
N LEU A 245 -8.38 9.94 6.86
CA LEU A 245 -7.66 8.67 7.00
C LEU A 245 -8.09 7.69 5.91
N VAL A 246 -7.90 8.13 4.66
CA VAL A 246 -8.19 7.30 3.49
C VAL A 246 -6.94 7.26 2.62
N ARG A 247 -6.92 6.30 1.70
CA ARG A 247 -5.82 6.13 0.76
C ARG A 247 -6.41 6.01 -0.64
N VAL A 248 -6.12 7.01 -1.48
CA VAL A 248 -6.62 7.05 -2.85
C VAL A 248 -5.59 6.36 -3.74
N LEU A 249 -6.02 5.32 -4.47
CA LEU A 249 -5.12 4.53 -5.28
C LEU A 249 -5.72 4.28 -6.65
N PRO A 250 -4.88 4.22 -7.69
CA PRO A 250 -5.36 3.79 -9.00
C PRO A 250 -5.21 2.28 -9.18
N GLN A 251 -5.49 1.79 -10.38
CA GLN A 251 -5.28 0.37 -10.71
C GLN A 251 -3.96 0.26 -11.48
N LEU A 252 -2.95 -0.32 -10.84
CA LEU A 252 -1.64 -0.41 -11.48
C LEU A 252 -1.66 -1.37 -12.66
N HIS A 253 -2.50 -2.41 -12.61
CA HIS A 253 -2.55 -3.39 -13.69
C HIS A 253 -3.00 -2.74 -15.00
N THR A 254 -4.09 -1.97 -14.95
CA THR A 254 -4.62 -1.38 -16.17
C THR A 254 -3.64 -0.38 -16.78
N LEU A 255 -2.80 0.25 -15.94
CA LEU A 255 -1.77 1.14 -16.48
C LEU A 255 -0.62 0.38 -17.09
N LEU A 256 -0.29 -0.79 -16.55
CA LEU A 256 0.78 -1.62 -17.10
C LEU A 256 0.32 -2.32 -18.37
N TRP A 257 -0.63 -3.25 -18.23
CA TRP A 257 -1.13 -3.99 -19.38
C TRP A 257 -2.44 -3.39 -19.86
N ALA B 22 15.43 22.49 24.36
CA ALA B 22 14.91 22.22 23.02
C ALA B 22 15.71 22.97 21.96
N LYS B 23 15.22 22.92 20.72
CA LYS B 23 15.88 23.58 19.60
C LYS B 23 14.91 23.62 18.43
N GLY B 24 15.02 24.67 17.62
CA GLY B 24 14.16 24.80 16.46
C GLY B 24 14.37 23.68 15.46
N ILE B 25 13.35 23.48 14.63
CA ILE B 25 13.35 22.42 13.62
C ILE B 25 13.64 23.06 12.27
N PRO B 26 14.67 22.62 11.55
CA PRO B 26 14.97 23.22 10.23
C PRO B 26 13.97 22.77 9.17
N VAL B 27 13.03 23.66 8.83
CA VAL B 27 11.96 23.36 7.89
C VAL B 27 12.26 24.07 6.57
N LEU B 28 12.10 23.34 5.46
CA LEU B 28 12.30 23.88 4.13
C LEU B 28 11.00 24.22 3.42
N GLU B 29 9.98 23.36 3.52
CA GLU B 29 8.72 23.60 2.84
C GLU B 29 7.61 22.85 3.54
N ILE B 30 6.41 23.42 3.50
CA ILE B 30 5.22 22.84 4.12
C ILE B 30 4.07 23.01 3.13
N PHE B 31 3.58 21.90 2.59
CA PHE B 31 2.51 21.93 1.60
C PHE B 31 1.52 20.80 1.88
N GLY B 32 0.47 20.76 1.09
CA GLY B 32 -0.58 19.77 1.25
C GLY B 32 -1.97 20.38 1.23
N PRO B 33 -3.01 19.54 1.34
CA PRO B 33 -2.93 18.08 1.42
C PRO B 33 -2.64 17.42 0.07
N THR B 34 -1.84 16.36 0.09
CA THR B 34 -1.52 15.59 -1.10
C THR B 34 -1.48 14.12 -0.72
N ILE B 35 -1.09 13.28 -1.68
CA ILE B 35 -1.04 11.84 -1.46
C ILE B 35 0.41 11.38 -1.42
N GLN B 36 0.67 10.38 -0.58
CA GLN B 36 1.97 9.74 -0.57
C GLN B 36 2.11 8.83 -1.79
N GLY B 37 3.17 9.03 -2.56
CA GLY B 37 3.33 8.36 -3.83
C GLY B 37 4.20 7.12 -3.86
N GLU B 38 4.59 6.56 -2.70
CA GLU B 38 5.49 5.42 -2.72
C GLU B 38 5.47 4.69 -1.39
N GLY B 39 5.58 3.36 -1.46
CA GLY B 39 6.02 2.56 -0.33
C GLY B 39 4.93 2.18 0.66
N MET B 40 5.24 2.37 1.94
CA MET B 40 4.47 1.77 3.03
C MET B 40 3.00 2.20 3.00
N VAL B 41 2.75 3.50 2.80
CA VAL B 41 1.38 4.01 2.80
C VAL B 41 1.14 4.81 1.53
N ILE B 42 1.27 4.15 0.39
CA ILE B 42 1.06 4.82 -0.90
C ILE B 42 -0.40 5.21 -1.04
N GLY B 43 -0.64 6.41 -1.54
CA GLY B 43 -1.98 6.93 -1.72
C GLY B 43 -2.57 7.59 -0.49
N GLN B 44 -1.89 7.55 0.65
CA GLN B 44 -2.42 8.15 1.86
C GLN B 44 -2.40 9.66 1.75
N LYS B 45 -3.56 10.29 2.00
CA LYS B 45 -3.62 11.74 2.04
C LYS B 45 -2.89 12.25 3.27
N THR B 46 -2.00 13.22 3.09
CA THR B 46 -1.15 13.66 4.17
C THR B 46 -0.64 15.06 3.88
N MET B 47 -0.08 15.68 4.92
CA MET B 47 0.63 16.95 4.81
C MET B 47 2.13 16.70 4.91
N PHE B 48 2.89 17.27 3.99
CA PHE B 48 4.33 17.09 3.97
C PHE B 48 5.02 18.21 4.73
N VAL B 49 5.98 17.84 5.58
CA VAL B 49 6.84 18.78 6.28
C VAL B 49 8.26 18.32 5.98
N ARG B 50 8.93 19.01 5.05
CA ARG B 50 10.27 18.62 4.61
C ARG B 50 11.30 19.31 5.47
N THR B 51 12.16 18.52 6.12
CA THR B 51 13.24 19.04 6.95
C THR B 51 14.54 19.08 6.15
N ALA B 52 15.55 19.72 6.74
CA ALA B 52 16.83 19.92 6.09
C ALA B 52 17.91 19.10 6.78
N GLY B 53 18.93 18.74 6.02
CA GLY B 53 20.06 17.99 6.56
C GLY B 53 20.04 16.52 6.20
N CYS B 54 21.09 16.04 5.53
CA CYS B 54 21.25 14.62 5.23
C CYS B 54 22.68 14.22 5.52
N ASP B 55 22.85 13.09 6.20
CA ASP B 55 24.17 12.52 6.43
C ASP B 55 24.65 11.70 5.23
N TYR B 56 23.88 11.64 4.16
CA TYR B 56 24.26 10.98 2.93
C TYR B 56 24.47 12.00 1.81
N SER B 57 25.08 11.55 0.73
CA SER B 57 25.30 12.35 -0.46
C SER B 57 25.09 11.46 -1.69
N CYS B 58 23.90 10.86 -1.77
CA CYS B 58 23.61 9.89 -2.80
C CYS B 58 23.65 10.53 -4.18
N SER B 59 24.16 9.78 -5.17
CA SER B 59 24.43 10.35 -6.49
C SER B 59 23.15 10.77 -7.21
N TRP B 60 22.03 10.09 -6.96
CA TRP B 60 20.76 10.41 -7.59
C TRP B 60 19.79 11.06 -6.61
N CYS B 61 20.29 11.83 -5.65
CA CYS B 61 19.45 12.49 -4.66
C CYS B 61 18.51 13.48 -5.32
N ASP B 62 17.22 13.14 -5.38
CA ASP B 62 16.23 14.05 -5.96
C ASP B 62 15.94 15.25 -5.08
N SER B 63 16.39 15.24 -3.84
CA SER B 63 16.25 16.39 -2.95
C SER B 63 17.62 16.89 -2.51
N ALA B 64 18.45 17.31 -3.48
CA ALA B 64 19.81 17.71 -3.18
C ALA B 64 19.85 18.94 -2.29
N PHE B 65 18.86 19.83 -2.43
CA PHE B 65 18.85 21.08 -1.67
C PHE B 65 18.70 20.86 -0.17
N THR B 66 18.28 19.67 0.27
CA THR B 66 18.12 19.39 1.69
C THR B 66 19.46 19.27 2.42
N TRP B 67 20.58 19.13 1.70
CA TRP B 67 21.87 18.90 2.35
C TRP B 67 23.05 19.58 1.66
N ASP B 68 23.01 19.85 0.36
CA ASP B 68 24.19 20.38 -0.33
C ASP B 68 24.51 21.80 0.09
N GLY B 69 23.56 22.52 0.70
CA GLY B 69 23.77 23.90 1.07
C GLY B 69 23.29 24.92 0.08
N SER B 70 22.49 24.51 -0.91
CA SER B 70 21.98 25.47 -1.90
C SER B 70 20.92 26.38 -1.29
N ALA B 71 20.15 25.89 -0.32
CA ALA B 71 19.09 26.68 0.28
C ALA B 71 19.26 26.82 1.79
N LYS B 72 20.46 27.22 2.22
CA LYS B 72 20.68 27.49 3.64
C LYS B 72 19.86 28.69 4.10
N LYS B 73 19.69 29.69 3.22
CA LYS B 73 18.93 30.87 3.59
C LYS B 73 17.43 30.58 3.67
N ASP B 74 16.95 29.60 2.90
CA ASP B 74 15.53 29.26 2.85
C ASP B 74 15.10 28.36 4.00
N ILE B 75 15.95 28.15 5.00
CA ILE B 75 15.61 27.30 6.14
C ILE B 75 14.92 28.15 7.19
N ARG B 76 13.80 27.65 7.71
CA ARG B 76 13.06 28.30 8.78
C ARG B 76 13.11 27.41 10.01
N TRP B 77 13.88 27.82 11.01
CA TRP B 77 14.00 27.07 12.27
C TRP B 77 12.77 27.38 13.11
N MET B 78 11.76 26.52 12.99
CA MET B 78 10.48 26.69 13.66
C MET B 78 10.35 25.71 14.82
N THR B 79 9.52 26.09 15.79
CA THR B 79 9.23 25.21 16.92
C THR B 79 8.12 24.23 16.53
N ALA B 80 7.81 23.32 17.46
CA ALA B 80 6.76 22.33 17.20
C ALA B 80 5.41 23.00 17.02
N GLU B 81 5.13 24.04 17.80
CA GLU B 81 3.84 24.71 17.72
C GLU B 81 3.72 25.59 16.49
N GLU B 82 4.84 26.10 15.96
CA GLU B 82 4.78 26.93 14.77
C GLU B 82 4.52 26.08 13.52
N ILE B 83 5.13 24.90 13.46
CA ILE B 83 4.91 24.02 12.31
C ILE B 83 3.47 23.53 12.29
N PHE B 84 2.95 23.11 13.44
CA PHE B 84 1.56 22.65 13.51
C PHE B 84 0.58 23.77 13.19
N ALA B 85 0.93 25.01 13.54
CA ALA B 85 0.05 26.14 13.24
C ALA B 85 -0.04 26.37 11.74
N GLU B 86 1.10 26.30 11.04
CA GLU B 86 1.09 26.48 9.59
C GLU B 86 0.41 25.31 8.89
N LEU B 87 0.50 24.11 9.46
CA LEU B 87 -0.22 22.97 8.90
C LEU B 87 -1.73 23.20 8.91
N LYS B 88 -2.24 23.80 9.98
CA LYS B 88 -3.66 24.11 10.05
C LYS B 88 -4.04 25.27 9.13
N ASP B 89 -3.08 26.11 8.76
CA ASP B 89 -3.37 27.21 7.85
C ASP B 89 -3.40 26.76 6.39
N ILE B 90 -2.69 25.69 6.06
CA ILE B 90 -2.63 25.20 4.69
C ILE B 90 -3.70 24.16 4.42
N GLY B 91 -3.84 23.17 5.30
CA GLY B 91 -4.78 22.09 5.09
C GLY B 91 -6.09 22.25 5.85
N GLY B 92 -6.09 23.09 6.88
CA GLY B 92 -7.27 23.28 7.69
C GLY B 92 -7.64 22.05 8.50
N ASP B 93 -8.83 21.52 8.26
CA ASP B 93 -9.28 20.28 8.90
C ASP B 93 -9.32 19.11 7.92
N ALA B 94 -8.77 19.29 6.71
CA ALA B 94 -8.78 18.26 5.68
C ALA B 94 -7.55 17.37 5.74
N PHE B 95 -7.03 17.08 6.93
CA PHE B 95 -5.89 16.19 7.04
C PHE B 95 -5.84 15.63 8.46
N SER B 96 -5.47 14.35 8.57
CA SER B 96 -5.22 13.71 9.85
C SER B 96 -3.93 12.89 9.82
N HIS B 97 -3.05 13.18 8.87
CA HIS B 97 -1.82 12.44 8.68
C HIS B 97 -0.73 13.41 8.23
N VAL B 98 0.44 13.32 8.85
CA VAL B 98 1.58 14.18 8.54
C VAL B 98 2.77 13.30 8.22
N THR B 99 3.47 13.63 7.13
CA THR B 99 4.66 12.89 6.71
C THR B 99 5.87 13.80 6.81
N ILE B 100 6.92 13.32 7.48
CA ILE B 100 8.17 14.05 7.66
C ILE B 100 9.18 13.49 6.66
N SER B 101 9.73 14.36 5.82
CA SER B 101 10.68 13.95 4.78
C SER B 101 11.88 14.87 4.79
N GLY B 102 12.92 14.45 4.08
CA GLY B 102 14.13 15.23 3.95
C GLY B 102 14.84 14.96 2.63
N GLY B 103 16.16 14.78 2.67
CA GLY B 103 16.94 14.85 3.89
C GLY B 103 16.89 13.59 4.73
N ASN B 104 17.49 13.66 5.91
CA ASN B 104 17.45 12.57 6.89
C ASN B 104 16.89 13.15 8.19
N PRO B 105 15.56 13.12 8.37
CA PRO B 105 14.97 13.67 9.60
C PRO B 105 15.41 12.94 10.86
N ALA B 106 15.99 11.75 10.75
CA ALA B 106 16.49 11.04 11.92
C ALA B 106 17.65 11.77 12.58
N LEU B 107 18.33 12.66 11.85
CA LEU B 107 19.42 13.44 12.44
C LEU B 107 18.92 14.52 13.40
N LEU B 108 17.61 14.72 13.48
CA LEU B 108 17.02 15.79 14.28
C LEU B 108 16.35 15.19 15.50
N LYS B 109 16.98 15.33 16.68
CA LYS B 109 16.34 14.93 17.92
C LYS B 109 15.19 15.87 18.29
N GLN B 110 15.23 17.11 17.79
CA GLN B 110 14.20 18.09 18.13
C GLN B 110 12.82 17.69 17.62
N LEU B 111 12.75 16.78 16.64
CA LEU B 111 11.47 16.35 16.10
C LEU B 111 10.60 15.64 17.12
N ASP B 112 11.17 15.21 18.25
CA ASP B 112 10.37 14.54 19.28
C ASP B 112 9.26 15.45 19.79
N ALA B 113 9.51 16.76 19.88
CA ALA B 113 8.48 17.68 20.34
C ALA B 113 7.36 17.82 19.31
N PHE B 114 7.71 17.86 18.02
CA PHE B 114 6.70 18.01 16.99
C PHE B 114 5.87 16.73 16.82
N ILE B 115 6.49 15.57 17.04
CA ILE B 115 5.75 14.31 16.90
C ILE B 115 4.81 14.12 18.09
N GLU B 116 5.28 14.44 19.30
CA GLU B 116 4.40 14.38 20.46
C GLU B 116 3.22 15.33 20.32
N LEU B 117 3.44 16.49 19.69
CA LEU B 117 2.34 17.42 19.44
C LEU B 117 1.34 16.83 18.44
N LEU B 118 1.83 16.06 17.47
CA LEU B 118 0.92 15.40 16.54
C LEU B 118 0.12 14.30 17.21
N LYS B 119 0.72 13.59 18.17
CA LYS B 119 -0.01 12.55 18.89
C LYS B 119 -1.05 13.14 19.84
N GLU B 120 -0.76 14.33 20.40
CA GLU B 120 -1.74 14.97 21.28
C GLU B 120 -2.98 15.40 20.51
N ASN B 121 -2.81 15.87 19.28
CA ASN B 121 -3.93 16.26 18.44
C ASN B 121 -4.53 15.08 17.67
N ASN B 122 -4.12 13.85 18.00
CA ASN B 122 -4.62 12.64 17.36
C ASN B 122 -4.41 12.68 15.85
N ILE B 123 -3.13 12.79 15.47
CA ILE B 123 -2.71 12.86 14.08
C ILE B 123 -1.61 11.84 13.85
N ARG B 124 -1.80 10.98 12.85
CA ARG B 124 -0.79 9.97 12.54
C ARG B 124 0.42 10.60 11.88
N ALA B 125 1.59 10.02 12.15
CA ALA B 125 2.86 10.55 11.67
C ALA B 125 3.60 9.48 10.87
N ALA B 126 4.24 9.90 9.79
CA ALA B 126 5.05 9.02 8.96
C ALA B 126 6.40 9.67 8.71
N LEU B 127 7.42 8.83 8.55
CA LEU B 127 8.78 9.31 8.33
C LEU B 127 9.57 8.26 7.57
N GLU B 128 10.46 8.73 6.70
CA GLU B 128 11.36 7.86 5.95
C GLU B 128 12.79 8.29 6.21
N THR B 129 13.63 7.34 6.60
CA THR B 129 15.04 7.58 6.88
C THR B 129 15.85 6.43 6.32
N GLN B 130 17.10 6.72 5.95
CA GLN B 130 17.96 5.68 5.38
C GLN B 130 18.38 4.64 6.41
N GLY B 131 18.30 4.96 7.69
CA GLY B 131 18.61 4.01 8.74
C GLY B 131 20.00 4.09 9.33
N THR B 132 20.58 5.29 9.44
CA THR B 132 21.90 5.44 10.02
C THR B 132 21.82 5.68 11.53
N VAL B 133 21.18 6.77 11.94
CA VAL B 133 21.08 7.15 13.34
C VAL B 133 19.71 6.79 13.86
N TYR B 134 19.65 6.37 15.12
CA TYR B 134 18.41 5.99 15.78
C TYR B 134 18.02 7.07 16.79
N GLN B 135 16.71 7.31 16.92
CA GLN B 135 16.19 8.28 17.88
C GLN B 135 15.11 7.63 18.72
N ASP B 136 14.83 8.25 19.87
CA ASP B 136 13.81 7.72 20.77
C ASP B 136 12.40 7.90 20.21
N TRP B 137 12.17 8.97 19.45
CA TRP B 137 10.85 9.21 18.90
C TRP B 137 10.51 8.30 17.73
N PHE B 138 11.39 7.36 17.38
CA PHE B 138 11.05 6.37 16.36
C PHE B 138 9.85 5.53 16.78
N THR B 139 9.71 5.27 18.08
CA THR B 139 8.58 4.50 18.59
C THR B 139 7.25 5.25 18.48
N LEU B 140 7.28 6.55 18.21
CA LEU B 140 6.06 7.33 18.07
C LEU B 140 5.59 7.46 16.63
N ILE B 141 6.40 7.01 15.67
CA ILE B 141 6.03 7.11 14.25
C ILE B 141 5.07 5.98 13.91
N ASP B 142 3.94 6.32 13.33
CA ASP B 142 2.94 5.31 12.97
C ASP B 142 3.31 4.58 11.69
N ASP B 143 3.97 5.26 10.74
CA ASP B 143 4.37 4.67 9.46
C ASP B 143 5.85 4.97 9.26
N LEU B 144 6.70 4.17 9.89
CA LEU B 144 8.15 4.37 9.81
C LEU B 144 8.70 3.55 8.66
N THR B 145 9.43 4.20 7.76
CA THR B 145 10.02 3.56 6.59
C THR B 145 11.53 3.67 6.69
N ILE B 146 12.21 2.52 6.74
CA ILE B 146 13.66 2.46 6.70
C ILE B 146 14.08 2.15 5.27
N SER B 147 14.83 3.06 4.65
CA SER B 147 15.17 2.99 3.24
C SER B 147 16.69 2.93 3.07
N PRO B 148 17.30 1.75 3.19
CA PRO B 148 18.74 1.63 2.94
C PRO B 148 19.07 1.97 1.50
N LYS B 149 20.22 2.62 1.31
CA LYS B 149 20.47 3.06 -0.06
C LYS B 149 21.27 2.03 -0.84
N PRO B 150 20.90 1.82 -2.11
CA PRO B 150 21.57 0.80 -2.92
C PRO B 150 22.96 1.23 -3.34
N PRO B 151 23.76 0.33 -3.90
CA PRO B 151 25.11 0.72 -4.32
C PRO B 151 25.14 1.78 -5.42
N SER B 152 24.06 1.94 -6.18
CA SER B 152 24.01 2.98 -7.20
C SER B 152 24.09 4.38 -6.61
N SER B 153 23.78 4.52 -5.32
CA SER B 153 23.94 5.80 -4.62
C SER B 153 25.38 6.10 -4.25
N LYS B 154 26.30 5.18 -4.51
CA LYS B 154 27.72 5.30 -4.15
C LYS B 154 27.90 5.50 -2.65
N MET B 155 26.92 5.09 -1.85
CA MET B 155 26.98 5.20 -0.40
C MET B 155 27.28 3.83 0.21
N VAL B 156 27.98 3.85 1.34
CA VAL B 156 28.33 2.63 2.06
C VAL B 156 27.26 2.37 3.11
N THR B 157 26.64 1.18 3.04
CA THR B 157 25.59 0.81 3.98
C THR B 157 26.22 0.18 5.21
N ASN B 158 25.96 0.76 6.38
CA ASN B 158 26.47 0.24 7.65
C ASN B 158 25.43 -0.71 8.21
N PHE B 159 25.56 -2.00 7.90
CA PHE B 159 24.60 -2.99 8.37
C PHE B 159 24.69 -3.17 9.89
N GLN B 160 25.87 -2.99 10.48
CA GLN B 160 25.99 -3.06 11.92
C GLN B 160 25.18 -1.97 12.60
N LYS B 161 25.11 -0.79 11.98
CA LYS B 161 24.30 0.30 12.50
C LYS B 161 22.84 0.18 12.08
N LEU B 162 22.56 -0.56 11.01
CA LEU B 162 21.18 -0.81 10.61
C LEU B 162 20.52 -1.87 11.49
N ASP B 163 21.29 -2.85 11.95
CA ASP B 163 20.74 -3.87 12.84
C ASP B 163 20.28 -3.27 14.17
N HIS B 164 20.94 -2.19 14.62
CA HIS B 164 20.59 -1.59 15.90
C HIS B 164 19.21 -0.94 15.84
N ILE B 165 18.87 -0.33 14.71
CA ILE B 165 17.58 0.36 14.60
C ILE B 165 16.44 -0.65 14.59
N LEU B 166 16.54 -1.68 13.74
CA LEU B 166 15.46 -2.65 13.65
C LEU B 166 15.34 -3.49 14.91
N THR B 167 16.45 -3.73 15.61
CA THR B 167 16.37 -4.45 16.88
C THR B 167 15.69 -3.59 17.94
N SER B 168 15.99 -2.29 17.96
CA SER B 168 15.35 -1.41 18.94
C SER B 168 13.86 -1.28 18.67
N LEU B 169 13.45 -1.29 17.41
CA LEU B 169 12.03 -1.20 17.08
C LEU B 169 11.30 -2.48 17.45
N GLN B 170 11.90 -3.64 17.15
CA GLN B 170 11.28 -4.92 17.49
C GLN B 170 11.26 -5.16 19.00
N GLU B 171 12.12 -4.47 19.76
CA GLU B 171 12.08 -4.61 21.22
C GLU B 171 11.00 -3.72 21.83
N ASN B 172 10.79 -2.53 21.27
CA ASN B 172 9.77 -1.61 21.76
C ASN B 172 8.39 -1.88 21.17
N ASP B 173 8.17 -3.08 20.61
CA ASP B 173 6.90 -3.47 20.02
C ASP B 173 6.46 -2.48 18.94
N ARG B 174 7.34 -2.26 17.97
CA ARG B 174 7.06 -1.36 16.85
C ARG B 174 7.21 -2.06 15.51
N GLN B 175 7.24 -3.40 15.50
CA GLN B 175 7.35 -4.14 14.25
C GLN B 175 6.14 -3.95 13.35
N HIS B 176 4.99 -3.57 13.92
CA HIS B 176 3.78 -3.33 13.15
C HIS B 176 3.79 -1.97 12.46
N ALA B 177 4.84 -1.17 12.65
CA ALA B 177 4.89 0.19 12.10
C ALA B 177 6.19 0.47 11.36
N VAL B 178 6.95 -0.57 11.03
CA VAL B 178 8.24 -0.42 10.35
C VAL B 178 8.19 -1.19 9.04
N SER B 179 8.82 -0.63 8.00
CA SER B 179 8.92 -1.29 6.71
C SER B 179 10.27 -0.96 6.09
N LEU B 180 10.70 -1.83 5.17
CA LEU B 180 11.93 -1.63 4.42
C LEU B 180 11.60 -1.30 2.98
N LYS B 181 12.36 -0.36 2.40
CA LYS B 181 12.12 0.10 1.04
C LYS B 181 13.47 0.36 0.38
N VAL B 182 13.73 -0.32 -0.73
CA VAL B 182 14.99 -0.20 -1.46
C VAL B 182 14.68 0.19 -2.90
N VAL B 183 15.14 1.36 -3.31
CA VAL B 183 14.99 1.81 -4.69
C VAL B 183 15.98 1.06 -5.56
N ILE B 184 15.57 0.77 -6.80
CA ILE B 184 16.35 -0.05 -7.72
C ILE B 184 16.59 0.74 -9.00
N PHE B 185 17.85 0.81 -9.43
CA PHE B 185 18.22 1.42 -10.69
C PHE B 185 18.82 0.44 -11.69
N ASN B 186 19.47 -0.63 -11.22
CA ASN B 186 20.08 -1.62 -12.09
C ASN B 186 20.04 -2.97 -11.39
N ASP B 187 20.68 -3.97 -12.01
CA ASP B 187 20.68 -5.31 -11.43
C ASP B 187 21.50 -5.38 -10.15
N GLU B 188 22.50 -4.50 -10.00
CA GLU B 188 23.32 -4.51 -8.80
C GLU B 188 22.53 -4.03 -7.58
N ASP B 189 21.63 -3.07 -7.79
CA ASP B 189 20.77 -2.63 -6.68
C ASP B 189 19.77 -3.71 -6.29
N LEU B 190 19.30 -4.50 -7.25
CA LEU B 190 18.35 -5.56 -6.96
C LEU B 190 18.98 -6.64 -6.07
N GLU B 191 20.26 -6.95 -6.31
CA GLU B 191 20.95 -7.91 -5.45
C GLU B 191 21.17 -7.37 -4.06
N PHE B 192 21.36 -6.05 -3.92
CA PHE B 192 21.44 -5.44 -2.60
C PHE B 192 20.13 -5.55 -1.84
N ALA B 193 19.00 -5.48 -2.55
CA ALA B 193 17.71 -5.64 -1.90
C ALA B 193 17.51 -7.06 -1.37
N LYS B 194 18.09 -8.05 -2.05
CA LYS B 194 18.02 -9.43 -1.54
C LYS B 194 18.76 -9.56 -0.22
N THR B 195 19.92 -8.92 -0.11
CA THR B 195 20.71 -9.00 1.12
C THR B 195 19.95 -8.37 2.29
N VAL B 196 19.26 -7.26 2.04
CA VAL B 196 18.51 -6.60 3.09
C VAL B 196 17.25 -7.39 3.43
N HIS B 197 16.57 -7.91 2.40
CA HIS B 197 15.35 -8.67 2.63
C HIS B 197 15.62 -9.98 3.35
N LYS B 198 16.67 -10.70 2.95
CA LYS B 198 17.02 -11.94 3.62
C LYS B 198 17.56 -11.70 5.02
N ARG B 199 18.08 -10.51 5.30
CA ARG B 199 18.61 -10.21 6.62
C ARG B 199 17.50 -9.91 7.63
N TYR B 200 16.36 -9.40 7.15
CA TYR B 200 15.23 -9.03 8.00
C TYR B 200 13.96 -9.59 7.37
N PRO B 201 13.63 -10.84 7.67
CA PRO B 201 12.48 -11.50 7.01
C PRO B 201 11.13 -11.02 7.52
N GLY B 202 11.04 -10.75 8.82
CA GLY B 202 9.77 -10.37 9.41
C GLY B 202 9.28 -9.00 9.00
N ILE B 203 10.19 -8.09 8.64
CA ILE B 203 9.80 -6.71 8.32
C ILE B 203 9.26 -6.68 6.89
N PRO B 204 8.14 -6.00 6.63
CA PRO B 204 7.64 -5.89 5.25
C PRO B 204 8.66 -5.19 4.36
N PHE B 205 8.83 -5.73 3.15
CA PHE B 205 9.82 -5.25 2.20
C PHE B 205 9.15 -4.63 1.00
N TYR B 206 9.70 -3.50 0.53
CA TYR B 206 9.17 -2.78 -0.61
C TYR B 206 10.28 -2.51 -1.60
N LEU B 207 9.95 -2.63 -2.89
CA LEU B 207 10.87 -2.30 -3.99
C LEU B 207 10.30 -1.12 -4.76
N GLN B 208 11.12 -0.11 -4.98
CA GLN B 208 10.71 1.11 -5.67
C GLN B 208 11.54 1.30 -6.92
N VAL B 209 10.91 1.83 -7.96
CA VAL B 209 11.58 2.07 -9.24
C VAL B 209 12.37 3.36 -9.15
N GLY B 210 13.62 3.32 -9.61
CA GLY B 210 14.44 4.51 -9.64
C GLY B 210 14.16 5.36 -10.88
N ASN B 211 14.18 6.67 -10.70
CA ASN B 211 13.92 7.62 -11.76
C ASN B 211 15.25 8.18 -12.27
N ASP B 212 15.42 8.18 -13.60
CA ASP B 212 16.62 8.77 -14.19
C ASP B 212 16.64 10.27 -14.02
N ASP B 213 15.48 10.91 -14.10
CA ASP B 213 15.34 12.35 -13.89
C ASP B 213 16.25 13.16 -14.82
N SER B 221 8.76 10.74 -23.09
CA SER B 221 8.11 11.32 -21.92
C SER B 221 8.55 10.60 -20.65
N LEU B 222 8.51 11.32 -19.52
CA LEU B 222 8.91 10.73 -18.25
C LEU B 222 7.91 9.67 -17.79
N ILE B 223 6.63 9.84 -18.09
CA ILE B 223 5.61 8.91 -17.60
C ILE B 223 5.73 7.57 -18.32
N ALA B 224 5.81 7.59 -19.65
CA ALA B 224 5.91 6.35 -20.42
C ALA B 224 7.25 5.66 -20.20
N HIS B 225 8.27 6.39 -19.73
CA HIS B 225 9.55 5.76 -19.44
C HIS B 225 9.55 5.05 -18.10
N LEU B 226 8.87 5.61 -17.09
CA LEU B 226 8.86 5.01 -15.77
C LEU B 226 7.99 3.75 -15.73
N LEU B 227 6.96 3.67 -16.57
CA LEU B 227 6.17 2.46 -16.63
C LEU B 227 6.96 1.30 -17.21
N GLY B 228 7.77 1.57 -18.23
CA GLY B 228 8.65 0.54 -18.76
C GLY B 228 9.67 0.09 -17.73
N LYS B 229 10.19 1.02 -16.93
CA LYS B 229 11.10 0.66 -15.85
C LYS B 229 10.38 -0.10 -14.75
N TYR B 230 9.13 0.28 -14.47
CA TYR B 230 8.35 -0.45 -13.46
C TYR B 230 7.96 -1.82 -13.97
N GLU B 231 7.55 -1.91 -15.24
CA GLU B 231 7.20 -3.22 -15.81
C GLU B 231 8.42 -4.13 -15.88
N ALA B 232 9.59 -3.57 -16.24
CA ALA B 232 10.80 -4.38 -16.29
C ALA B 232 11.20 -4.87 -14.91
N LEU B 233 10.98 -4.05 -13.87
CA LEU B 233 11.29 -4.47 -12.51
C LEU B 233 10.33 -5.56 -12.06
N VAL B 234 9.06 -5.50 -12.46
CA VAL B 234 8.10 -6.52 -12.09
C VAL B 234 8.48 -7.86 -12.71
N ASP B 235 8.91 -7.84 -13.98
CA ASP B 235 9.27 -9.09 -14.65
C ASP B 235 10.48 -9.76 -13.99
N LYS B 236 11.41 -8.97 -13.45
CA LYS B 236 12.57 -9.56 -12.80
C LYS B 236 12.20 -10.20 -11.46
N VAL B 237 11.31 -9.57 -10.70
CA VAL B 237 10.89 -10.13 -9.43
C VAL B 237 9.94 -11.31 -9.65
N ALA B 238 9.24 -11.34 -10.79
CA ALA B 238 8.27 -12.39 -11.05
C ALA B 238 8.93 -13.76 -11.18
N VAL B 239 10.19 -13.81 -11.60
CA VAL B 239 10.90 -15.07 -11.77
C VAL B 239 11.94 -15.28 -10.67
N ASP B 240 11.90 -14.47 -9.61
CA ASP B 240 12.87 -14.55 -8.53
C ASP B 240 12.24 -15.22 -7.31
N ALA B 241 12.94 -16.22 -6.77
CA ALA B 241 12.44 -16.95 -5.62
C ALA B 241 12.86 -16.32 -4.29
N GLU B 242 13.87 -15.45 -4.30
CA GLU B 242 14.33 -14.83 -3.06
C GLU B 242 13.51 -13.61 -2.68
N LEU B 243 12.93 -12.93 -3.67
CA LEU B 243 12.11 -11.74 -3.43
C LEU B 243 10.65 -12.13 -3.61
N ASN B 244 10.09 -12.81 -2.62
CA ASN B 244 8.71 -13.28 -2.67
C ASN B 244 7.77 -12.39 -1.86
N LEU B 245 8.05 -12.22 -0.56
CA LEU B 245 7.25 -11.32 0.28
C LEU B 245 7.72 -9.88 0.04
N VAL B 246 7.43 -9.40 -1.18
CA VAL B 246 7.91 -8.12 -1.65
C VAL B 246 6.77 -7.41 -2.37
N ARG B 247 6.67 -6.09 -2.15
CA ARG B 247 5.69 -5.25 -2.85
C ARG B 247 6.45 -4.31 -3.76
N VAL B 248 6.24 -4.45 -5.06
CA VAL B 248 6.93 -3.64 -6.07
C VAL B 248 6.01 -2.49 -6.45
N LEU B 249 6.42 -1.27 -6.14
CA LEU B 249 5.61 -0.08 -6.37
C LEU B 249 6.42 0.99 -7.09
N PRO B 250 5.76 1.78 -7.94
CA PRO B 250 6.46 2.91 -8.58
C PRO B 250 6.34 4.18 -7.76
N GLN B 251 6.61 5.32 -8.39
CA GLN B 251 6.44 6.63 -7.77
C GLN B 251 5.16 7.24 -8.32
N LEU B 252 4.08 7.18 -7.52
CA LEU B 252 2.80 7.68 -7.97
C LEU B 252 2.82 9.19 -8.17
N HIS B 253 3.51 9.92 -7.28
CA HIS B 253 3.55 11.37 -7.38
C HIS B 253 4.28 11.82 -8.64
N THR B 254 5.19 10.99 -9.16
CA THR B 254 5.89 11.33 -10.39
C THR B 254 5.05 11.04 -11.63
N LEU B 255 4.15 10.05 -11.55
CA LEU B 255 3.29 9.74 -12.67
C LEU B 255 2.17 10.73 -12.86
N LEU B 256 1.89 11.57 -11.85
CA LEU B 256 0.82 12.56 -11.93
C LEU B 256 1.35 13.96 -12.23
N TRP B 257 2.36 14.41 -11.49
CA TRP B 257 2.88 15.76 -11.64
C TRP B 257 4.31 15.82 -12.15
N GLY B 258 5.00 14.69 -12.24
CA GLY B 258 6.38 14.71 -12.71
C GLY B 258 7.31 15.33 -11.70
N ASN B 259 8.37 15.96 -12.21
CA ASN B 259 9.33 16.64 -11.35
C ASN B 259 8.82 18.02 -10.97
FE1 SF4 C . -19.82 -7.00 -8.48
FE2 SF4 C . -17.28 -7.99 -8.25
FE3 SF4 C . -18.70 -8.38 -10.55
FE4 SF4 C . -19.42 -9.70 -8.26
S1 SF4 C . -17.47 -9.93 -9.42
S2 SF4 C . -20.81 -8.65 -9.72
S3 SF4 C . -18.95 -8.11 -6.69
S4 SF4 C . -18.00 -6.38 -9.71
N MET D . -14.64 -6.40 -9.03
CA MET D . -14.48 -7.84 -9.18
C MET D . -14.65 -8.54 -7.84
O MET D . -14.18 -9.67 -7.65
CB MET D . -13.12 -8.18 -9.78
CG MET D . -11.95 -7.85 -8.87
SD MET D . -10.37 -8.32 -9.59
CE MET D . -10.29 -7.20 -10.99
OXT MET D . -15.23 -8.00 -6.90
C1 PEG E . -7.07 -22.30 -15.83
O1 PEG E . -6.83 -22.92 -14.58
C2 PEG E . -6.02 -21.21 -16.05
O2 PEG E . -6.31 -20.55 -17.25
C3 PEG E . -6.03 -19.18 -17.22
C4 PEG E . -7.05 -18.44 -18.08
O4 PEG E . -6.72 -17.07 -18.13
FE1 SF4 F . 20.20 9.90 -0.34
FE2 SF4 F . 17.57 10.30 0.28
FE3 SF4 F . 18.96 12.20 -1.11
FE4 SF4 F . 19.50 11.78 1.54
S1 SF4 F . 17.55 12.54 0.64
S2 SF4 F . 21.01 12.03 -0.13
S3 SF4 F . 19.19 9.52 1.67
S4 SF4 F . 18.49 10.09 -1.81
#